data_5UKH
#
_entry.id   5UKH
#
_cell.length_a   127.383
_cell.length_b   132.689
_cell.length_c   58.258
_cell.angle_alpha   90.00
_cell.angle_beta   90.00
_cell.angle_gamma   90.00
#
_symmetry.space_group_name_H-M   'C 2 2 21'
#
loop_
_entity.id
_entity.type
_entity.pdbx_description
1 polymer 'Uncharacterized protein'
2 non-polymer 'CALCIUM ION'
3 water water
#
_entity_poly.entity_id   1
_entity_poly.type   'polypeptide(L)'
_entity_poly.pdbx_seq_one_letter_code
;(MSE)GSSHHHHHHSQDPSDLSWSKRLSAYAALKDLTLSKQDKVFLEHL(MSE)TEYGFDSTTARQILKLKQGLERKFSS
IFDDYTQEERDYLLFRIIGSVSYNGVKWDETAGYLSRYFYKEVVSNPVTGEKQKVPKSLLDIFQELGLSKAEAKQLQYNL
SLQHE(MSE)AGGTLSTTGD(MSE)VKQDPDYYETAKNSYKLVYGTTEGFDKFWDERLKAYSNDGRGNADFTHQSIT
(MSE)ATHLNPTSVQLSDIYGGRKHVKNLAGWEGDTTYNANERKPSIGEDDYKADLDSVNIIGR(MSE)KKGQSYQSA
(MSE)SSYYSDVQKGHSVREKEFLKNKDWEKVKKTIYDSLVPNGINKNADSVVKDYIAKNYPDVSKFLSRLESVAGGQ
;
_entity_poly.pdbx_strand_id   A
#
# COMPACT_ATOMS: atom_id res chain seq x y z
N ALA A 25 -3.95 20.12 -14.10
CA ALA A 25 -3.70 19.69 -12.72
C ALA A 25 -4.87 20.08 -11.81
N TYR A 26 -4.90 21.37 -11.47
CA TYR A 26 -6.10 21.96 -10.87
C TYR A 26 -7.28 21.92 -11.84
N ALA A 27 -7.00 22.08 -13.14
CA ALA A 27 -8.05 22.17 -14.15
C ALA A 27 -8.87 20.88 -14.26
N ALA A 28 -8.31 19.74 -13.85
CA ALA A 28 -8.95 18.45 -14.09
C ALA A 28 -10.12 18.18 -13.15
N LEU A 29 -10.13 18.78 -11.96
CA LEU A 29 -11.10 18.41 -10.93
C LEU A 29 -12.24 19.42 -10.75
N LYS A 30 -12.36 20.43 -11.62
CA LYS A 30 -13.43 21.41 -11.47
C LYS A 30 -14.79 20.81 -11.83
N ASP A 31 -14.96 20.38 -13.08
CA ASP A 31 -16.12 19.63 -13.51
C ASP A 31 -15.82 18.14 -13.32
N LEU A 32 -16.82 17.40 -12.86
CA LEU A 32 -16.73 16.26 -11.95
C LEU A 32 -17.55 16.69 -10.74
N THR A 33 -18.83 16.28 -10.56
CA THR A 33 -19.54 15.03 -10.95
C THR A 33 -19.05 13.96 -9.98
N LEU A 34 -18.43 14.45 -8.90
CA LEU A 34 -18.12 13.67 -7.72
C LEU A 34 -18.58 14.45 -6.51
N SER A 35 -18.94 13.72 -5.46
CA SER A 35 -19.27 14.38 -4.20
C SER A 35 -18.04 15.13 -3.68
N LYS A 36 -18.31 16.12 -2.80
CA LYS A 36 -17.21 16.79 -2.10
C LYS A 36 -16.33 15.77 -1.39
N GLN A 37 -16.96 14.76 -0.78
CA GLN A 37 -16.19 13.74 -0.05
C GLN A 37 -15.30 12.96 -1.00
N ASP A 38 -15.78 12.67 -2.20
CA ASP A 38 -14.98 11.89 -3.14
C ASP A 38 -13.80 12.71 -3.67
N LYS A 39 -14.02 14.01 -3.93
CA LYS A 39 -12.93 14.85 -4.40
C LYS A 39 -11.84 14.94 -3.34
N VAL A 40 -12.22 15.17 -2.07
CA VAL A 40 -11.27 15.16 -0.97
C VAL A 40 -10.48 13.85 -0.96
N PHE A 41 -11.17 12.73 -1.16
CA PHE A 41 -10.50 11.43 -1.20
C PHE A 41 -9.50 11.36 -2.34
N LEU A 42 -9.92 11.74 -3.55
CA LEU A 42 -9.01 11.75 -4.69
C LEU A 42 -7.77 12.60 -4.42
N GLU A 43 -7.98 13.79 -3.87
CA GLU A 43 -6.85 14.69 -3.62
C GLU A 43 -5.90 14.12 -2.56
N HIS A 44 -6.41 13.41 -1.55
CA HIS A 44 -5.50 12.77 -0.61
C HIS A 44 -4.68 11.68 -1.28
N LEU A 45 -5.31 10.84 -2.12
CA LEU A 45 -4.58 9.84 -2.90
C LEU A 45 -3.46 10.48 -3.70
N THR A 47 -1.95 13.53 -3.23
CA THR A 47 -0.93 14.21 -2.43
C THR A 47 -0.03 13.22 -1.68
N GLU A 48 -0.61 12.19 -1.08
CA GLU A 48 0.15 11.32 -0.19
C GLU A 48 1.05 10.35 -0.94
N TYR A 49 0.54 9.76 -2.03
CA TYR A 49 1.25 8.71 -2.76
C TYR A 49 1.88 9.19 -4.05
N GLY A 50 1.38 10.27 -4.64
CA GLY A 50 1.94 10.78 -5.86
C GLY A 50 1.15 10.48 -7.11
N PHE A 51 -0.01 9.83 -6.98
CA PHE A 51 -0.82 9.49 -8.14
C PHE A 51 -1.33 10.75 -8.83
N ASP A 52 -1.37 10.72 -10.16
CA ASP A 52 -2.06 11.80 -10.87
C ASP A 52 -3.57 11.57 -10.80
N SER A 53 -4.34 12.53 -11.31
CA SER A 53 -5.79 12.44 -11.20
C SER A 53 -6.35 11.22 -11.93
N THR A 54 -5.73 10.81 -13.04
CA THR A 54 -6.18 9.65 -13.82
C THR A 54 -6.16 8.38 -12.98
N THR A 55 -5.00 8.06 -12.39
CA THR A 55 -4.87 6.87 -11.58
C THR A 55 -5.77 6.94 -10.36
N ALA A 56 -5.79 8.12 -9.70
CA ALA A 56 -6.62 8.28 -8.51
C ALA A 56 -8.09 8.03 -8.84
N ARG A 57 -8.56 8.52 -9.99
CA ARG A 57 -9.95 8.30 -10.35
C ARG A 57 -10.23 6.81 -10.62
N GLN A 58 -9.26 6.10 -11.19
CA GLN A 58 -9.40 4.64 -11.35
C GLN A 58 -9.52 3.94 -10.00
N ILE A 59 -8.77 4.40 -8.99
CA ILE A 59 -8.91 3.79 -7.67
C ILE A 59 -10.31 4.07 -7.11
N LEU A 60 -10.80 5.29 -7.33
CA LEU A 60 -12.17 5.62 -6.92
C LEU A 60 -13.19 4.74 -7.65
N LYS A 61 -12.94 4.44 -8.93
CA LYS A 61 -13.85 3.58 -9.70
C LYS A 61 -13.94 2.19 -9.08
N LEU A 62 -12.80 1.63 -8.68
CA LEU A 62 -12.81 0.34 -7.99
C LEU A 62 -13.71 0.39 -6.77
N LYS A 63 -13.48 1.39 -5.90
CA LYS A 63 -14.27 1.54 -4.69
C LYS A 63 -15.75 1.62 -5.02
N GLN A 64 -16.13 2.40 -6.04
CA GLN A 64 -17.53 2.47 -6.43
C GLN A 64 -18.06 1.12 -6.94
N GLY A 65 -17.22 0.33 -7.60
CA GLY A 65 -17.63 -1.00 -8.01
C GLY A 65 -17.93 -1.90 -6.81
N LEU A 66 -17.09 -1.81 -5.77
CA LEU A 66 -17.34 -2.57 -4.55
C LEU A 66 -18.68 -2.21 -3.91
N GLU A 67 -19.07 -0.94 -3.96
CA GLU A 67 -20.35 -0.58 -3.36
C GLU A 67 -21.52 -1.09 -4.18
N ARG A 68 -21.35 -1.19 -5.51
CA ARG A 68 -22.43 -1.75 -6.32
C ARG A 68 -22.52 -3.26 -6.16
N LYS A 69 -21.38 -3.92 -5.95
CA LYS A 69 -21.35 -5.37 -5.87
C LYS A 69 -21.73 -5.87 -4.48
N PHE A 70 -21.34 -5.17 -3.42
CA PHE A 70 -21.55 -5.63 -2.05
C PHE A 70 -22.41 -4.61 -1.28
N SER A 71 -23.71 -4.71 -1.45
CA SER A 71 -24.64 -3.77 -0.86
C SER A 71 -24.91 -4.10 0.61
N SER A 72 -25.24 -3.04 1.38
CA SER A 72 -25.74 -3.16 2.75
C SER A 72 -27.23 -2.91 2.83
N ILE A 73 -27.86 -2.57 1.71
CA ILE A 73 -29.29 -2.29 1.67
C ILE A 73 -30.04 -3.38 0.91
N PHE A 74 -29.46 -3.84 -0.19
CA PHE A 74 -30.01 -4.95 -0.96
C PHE A 74 -29.36 -6.27 -0.62
N ASP A 75 -28.31 -6.26 0.20
CA ASP A 75 -27.65 -7.49 0.63
C ASP A 75 -27.17 -7.35 2.06
N ASP A 76 -26.13 -8.11 2.40
CA ASP A 76 -25.76 -8.38 3.77
C ASP A 76 -24.44 -7.75 4.20
N TYR A 77 -23.67 -7.22 3.25
CA TYR A 77 -22.31 -6.83 3.54
C TYR A 77 -22.25 -5.54 4.34
N THR A 78 -21.06 -5.26 4.87
CA THR A 78 -20.82 -4.11 5.72
C THR A 78 -19.79 -3.20 5.07
N GLN A 79 -19.76 -1.95 5.54
CA GLN A 79 -18.78 -0.99 5.03
C GLN A 79 -17.36 -1.47 5.30
N GLU A 80 -17.13 -2.07 6.47
CA GLU A 80 -15.80 -2.57 6.79
C GLU A 80 -15.39 -3.72 5.87
N GLU A 81 -16.33 -4.58 5.47
CA GLU A 81 -15.99 -5.60 4.48
C GLU A 81 -15.65 -4.97 3.14
N ARG A 82 -16.38 -3.93 2.71
CA ARG A 82 -16.04 -3.26 1.46
C ARG A 82 -14.68 -2.58 1.56
N ASP A 83 -14.36 -2.01 2.72
CA ASP A 83 -13.03 -1.41 2.89
C ASP A 83 -11.96 -2.49 2.88
N TYR A 84 -12.22 -3.62 3.53
CA TYR A 84 -11.28 -4.74 3.47
C TYR A 84 -11.02 -5.15 2.04
N LEU A 85 -12.09 -5.35 1.28
CA LEU A 85 -11.95 -5.79 -0.12
C LEU A 85 -11.10 -4.80 -0.92
N LEU A 86 -11.34 -3.50 -0.75
CA LEU A 86 -10.53 -2.51 -1.45
C LEU A 86 -9.06 -2.67 -1.09
N PHE A 87 -8.74 -2.72 0.21
CA PHE A 87 -7.34 -2.92 0.62
C PHE A 87 -6.77 -4.21 0.06
N ARG A 88 -7.56 -5.31 0.12
CA ARG A 88 -7.07 -6.62 -0.30
C ARG A 88 -6.78 -6.65 -1.80
N ILE A 89 -7.66 -6.05 -2.60
CA ILE A 89 -7.50 -6.03 -4.04
C ILE A 89 -6.29 -5.19 -4.43
N ILE A 90 -6.16 -3.99 -3.87
CA ILE A 90 -5.03 -3.12 -4.17
C ILE A 90 -3.74 -3.79 -3.72
N GLY A 91 -3.76 -4.39 -2.53
CA GLY A 91 -2.58 -5.09 -2.05
C GLY A 91 -2.11 -6.22 -2.96
N SER A 92 -3.06 -6.91 -3.62
CA SER A 92 -2.68 -8.11 -4.40
C SER A 92 -1.83 -7.76 -5.60
N VAL A 93 -1.79 -6.49 -6.01
CA VAL A 93 -0.88 -6.09 -7.09
C VAL A 93 0.56 -6.48 -6.75
N SER A 94 0.95 -6.31 -5.48
CA SER A 94 2.34 -6.54 -5.08
C SER A 94 2.51 -7.74 -4.17
N TYR A 95 1.45 -8.20 -3.54
CA TYR A 95 1.52 -9.23 -2.50
C TYR A 95 0.56 -10.35 -2.87
N ASN A 96 1.08 -11.45 -3.38
CA ASN A 96 0.23 -12.50 -3.89
C ASN A 96 0.91 -13.83 -3.65
N GLY A 97 0.20 -14.90 -3.98
CA GLY A 97 0.67 -16.22 -3.65
C GLY A 97 0.02 -16.72 -2.38
N VAL A 98 0.18 -18.03 -2.15
CA VAL A 98 -0.54 -18.67 -1.05
C VAL A 98 -0.12 -18.12 0.30
N LYS A 99 1.15 -17.71 0.45
CA LYS A 99 1.60 -17.12 1.71
C LYS A 99 0.81 -15.87 2.05
N TRP A 100 0.42 -15.11 1.04
CA TRP A 100 -0.37 -13.91 1.28
C TRP A 100 -1.86 -14.18 1.30
N ASP A 101 -2.29 -15.29 0.69
CA ASP A 101 -3.69 -15.66 0.77
C ASP A 101 -4.07 -16.10 2.17
N GLU A 102 -3.21 -16.93 2.79
CA GLU A 102 -3.44 -17.34 4.18
C GLU A 102 -3.38 -16.15 5.13
N THR A 103 -2.57 -15.15 4.81
CA THR A 103 -2.31 -14.01 5.70
C THR A 103 -3.37 -12.92 5.58
N ALA A 104 -3.62 -12.44 4.37
CA ALA A 104 -4.58 -11.36 4.15
C ALA A 104 -5.94 -11.87 3.68
N GLY A 105 -6.09 -13.15 3.41
CA GLY A 105 -7.36 -13.71 2.98
C GLY A 105 -7.41 -13.97 1.49
N TYR A 106 -8.27 -14.91 1.09
CA TYR A 106 -8.38 -15.37 -0.29
C TYR A 106 -9.36 -14.53 -1.09
N LEU A 107 -8.90 -13.89 -2.16
CA LEU A 107 -9.82 -13.14 -2.99
C LEU A 107 -10.78 -14.04 -3.74
N SER A 108 -10.42 -15.31 -3.96
CA SER A 108 -11.30 -16.22 -4.68
C SER A 108 -12.63 -16.45 -3.97
N ARG A 109 -12.72 -16.16 -2.67
CA ARG A 109 -13.99 -16.27 -1.97
C ARG A 109 -15.04 -15.29 -2.53
N TYR A 110 -14.58 -14.17 -3.10
CA TYR A 110 -15.45 -13.08 -3.51
C TYR A 110 -15.50 -12.87 -5.02
N PHE A 111 -14.50 -13.32 -5.77
CA PHE A 111 -14.40 -13.07 -7.20
C PHE A 111 -14.04 -14.37 -7.90
N TYR A 112 -14.97 -14.87 -8.71
CA TYR A 112 -14.80 -16.13 -9.40
C TYR A 112 -15.80 -16.19 -10.54
N LYS A 113 -15.55 -17.12 -11.46
CA LYS A 113 -16.48 -17.51 -12.51
C LYS A 113 -16.76 -18.99 -12.35
N GLU A 114 -18.03 -19.36 -12.49
CA GLU A 114 -18.45 -20.75 -12.36
C GLU A 114 -18.54 -21.38 -13.74
N VAL A 115 -18.00 -22.58 -13.90
CA VAL A 115 -18.06 -23.31 -15.16
C VAL A 115 -18.50 -24.75 -14.89
N VAL A 116 -19.29 -25.32 -15.81
CA VAL A 116 -19.61 -26.74 -15.75
C VAL A 116 -18.33 -27.53 -15.79
N SER A 117 -18.11 -28.33 -14.75
CA SER A 117 -16.88 -29.11 -14.61
C SER A 117 -17.02 -30.54 -15.10
N ASN A 118 -18.24 -31.07 -15.19
CA ASN A 118 -18.50 -32.41 -15.69
C ASN A 118 -19.74 -32.35 -16.58
N PRO A 119 -19.58 -32.46 -17.90
CA PRO A 119 -20.74 -32.24 -18.80
C PRO A 119 -21.91 -33.17 -18.57
N VAL A 120 -21.67 -34.39 -18.08
CA VAL A 120 -22.78 -35.31 -17.84
C VAL A 120 -23.48 -34.98 -16.54
N THR A 121 -22.72 -34.61 -15.50
CA THR A 121 -23.31 -34.36 -14.19
C THR A 121 -24.10 -33.05 -14.19
N GLY A 122 -23.53 -32.00 -14.77
CA GLY A 122 -23.99 -30.66 -14.53
C GLY A 122 -23.28 -29.98 -13.38
N GLU A 123 -22.37 -30.68 -12.70
CA GLU A 123 -21.61 -30.10 -11.59
C GLU A 123 -20.78 -28.92 -12.06
N LYS A 124 -20.75 -27.88 -11.24
CA LYS A 124 -19.97 -26.67 -11.51
C LYS A 124 -18.80 -26.55 -10.53
N GLN A 125 -17.80 -25.78 -10.94
CA GLN A 125 -16.66 -25.44 -10.10
C GLN A 125 -16.41 -23.95 -10.24
N LYS A 126 -16.01 -23.31 -9.14
CA LYS A 126 -15.80 -21.86 -9.08
C LYS A 126 -14.32 -21.58 -9.38
N VAL A 127 -14.06 -20.89 -10.48
CA VAL A 127 -12.69 -20.64 -10.95
C VAL A 127 -12.28 -19.24 -10.52
N PRO A 128 -11.16 -19.08 -9.81
CA PRO A 128 -10.79 -17.74 -9.29
C PRO A 128 -10.51 -16.77 -10.43
N LYS A 129 -10.90 -15.51 -10.22
CA LYS A 129 -10.68 -14.45 -11.20
C LYS A 129 -9.28 -13.86 -11.04
N SER A 130 -8.66 -13.51 -12.16
CA SER A 130 -7.37 -12.85 -12.11
C SER A 130 -7.55 -11.41 -11.66
N LEU A 131 -6.43 -10.79 -11.28
CA LEU A 131 -6.51 -9.43 -10.76
C LEU A 131 -7.08 -8.47 -11.80
N LEU A 132 -6.63 -8.57 -13.06
CA LEU A 132 -7.18 -7.71 -14.12
C LEU A 132 -8.66 -7.98 -14.37
N ASP A 133 -9.11 -9.24 -14.22
CA ASP A 133 -10.55 -9.52 -14.36
C ASP A 133 -11.36 -8.99 -13.17
N ILE A 134 -10.77 -8.96 -11.98
CA ILE A 134 -11.43 -8.33 -10.83
C ILE A 134 -11.64 -6.84 -11.09
N PHE A 135 -10.58 -6.17 -11.56
CA PHE A 135 -10.66 -4.75 -11.92
C PHE A 135 -11.79 -4.48 -12.92
N GLN A 136 -11.94 -5.36 -13.92
CA GLN A 136 -12.94 -5.13 -14.94
C GLN A 136 -14.35 -5.44 -14.44
N GLU A 137 -14.49 -6.50 -13.63
CA GLU A 137 -15.77 -6.74 -12.98
C GLU A 137 -16.21 -5.51 -12.19
N LEU A 138 -15.28 -4.85 -11.50
CA LEU A 138 -15.64 -3.70 -10.68
C LEU A 138 -15.80 -2.41 -11.47
N GLY A 139 -15.68 -2.44 -12.80
CA GLY A 139 -16.07 -1.31 -13.61
C GLY A 139 -14.97 -0.68 -14.46
N LEU A 140 -13.71 -1.09 -14.32
CA LEU A 140 -12.66 -0.53 -15.18
C LEU A 140 -12.69 -1.19 -16.55
N SER A 141 -12.41 -0.41 -17.59
CA SER A 141 -12.16 -0.97 -18.90
C SER A 141 -10.85 -1.75 -18.89
N LYS A 142 -10.64 -2.56 -19.94
CA LYS A 142 -9.42 -3.35 -20.02
C LYS A 142 -8.18 -2.46 -19.96
N ALA A 143 -8.20 -1.34 -20.67
CA ALA A 143 -7.07 -0.42 -20.64
C ALA A 143 -6.90 0.22 -19.27
N GLU A 144 -8.00 0.68 -18.66
CA GLU A 144 -7.90 1.25 -17.31
C GLU A 144 -7.33 0.23 -16.33
N ALA A 145 -7.77 -1.03 -16.43
CA ALA A 145 -7.27 -2.06 -15.52
C ALA A 145 -5.77 -2.24 -15.66
N LYS A 146 -5.26 -2.28 -16.90
CA LYS A 146 -3.82 -2.46 -17.11
C LYS A 146 -3.05 -1.25 -16.58
N GLN A 147 -3.56 -0.04 -16.86
CA GLN A 147 -2.92 1.18 -16.37
C GLN A 147 -2.91 1.26 -14.84
N LEU A 148 -4.02 0.93 -14.20
CA LEU A 148 -4.06 0.96 -12.74
C LEU A 148 -3.06 -0.02 -12.14
N GLN A 149 -3.01 -1.25 -12.66
CA GLN A 149 -2.09 -2.24 -12.12
C GLN A 149 -0.65 -1.77 -12.26
N TYR A 150 -0.29 -1.29 -13.45
CA TYR A 150 1.06 -0.80 -13.72
C TYR A 150 1.43 0.36 -12.78
N ASN A 151 0.54 1.33 -12.64
CA ASN A 151 0.87 2.49 -11.81
C ASN A 151 0.90 2.15 -10.33
N LEU A 152 0.08 1.18 -9.87
CA LEU A 152 0.20 0.72 -8.50
C LEU A 152 1.54 0.04 -8.26
N SER A 153 2.03 -0.78 -9.23
CA SER A 153 3.33 -1.42 -9.07
C SER A 153 4.45 -0.39 -9.13
N LEU A 154 4.35 0.58 -10.05
CA LEU A 154 5.37 1.64 -10.13
C LEU A 154 5.46 2.39 -8.79
N GLN A 155 4.32 2.85 -8.26
CA GLN A 155 4.32 3.58 -6.99
C GLN A 155 4.97 2.73 -5.91
N HIS A 156 4.68 1.43 -5.92
CA HIS A 156 5.23 0.52 -4.93
C HIS A 156 6.75 0.44 -5.02
N GLU A 157 7.30 0.34 -6.24
CA GLU A 157 8.74 0.20 -6.40
C GLU A 157 9.47 1.53 -6.26
N ALA A 159 8.30 4.31 -4.47
CA ALA A 159 7.94 5.13 -3.30
C ALA A 159 9.13 5.37 -2.37
N GLY A 160 10.03 4.40 -2.24
CA GLY A 160 11.13 4.51 -1.29
C GLY A 160 12.31 5.38 -1.72
N GLY A 161 12.31 5.87 -2.96
CA GLY A 161 13.36 6.76 -3.40
C GLY A 161 14.67 6.06 -3.69
N THR A 162 14.62 4.77 -4.06
CA THR A 162 15.84 4.04 -4.36
C THR A 162 16.06 3.82 -5.85
N LEU A 163 15.13 4.26 -6.69
CA LEU A 163 15.23 4.04 -8.13
C LEU A 163 15.77 5.30 -8.81
N SER A 164 16.14 5.15 -10.08
CA SER A 164 16.89 6.17 -10.81
C SER A 164 16.10 6.69 -12.01
N THR A 165 16.50 7.88 -12.47
CA THR A 165 16.00 8.43 -13.73
C THR A 165 16.44 7.55 -14.89
N THR A 166 15.67 7.59 -15.98
CA THR A 166 16.06 6.82 -17.17
C THR A 166 17.45 7.19 -17.63
N GLY A 167 17.84 8.46 -17.47
CA GLY A 167 19.16 8.89 -17.90
C GLY A 167 20.28 8.20 -17.13
N ASP A 168 20.08 7.95 -15.83
CA ASP A 168 21.07 7.18 -15.08
C ASP A 168 20.90 5.67 -15.29
N VAL A 170 20.06 4.07 -18.10
CA VAL A 170 20.73 3.71 -19.35
C VAL A 170 22.20 3.41 -19.10
N LYS A 171 22.90 4.32 -18.40
CA LYS A 171 24.32 4.11 -18.13
C LYS A 171 24.54 2.94 -17.17
N GLN A 172 23.84 2.96 -16.03
CA GLN A 172 24.15 2.01 -14.96
C GLN A 172 23.68 0.60 -15.32
N ASP A 173 22.38 0.40 -15.51
CA ASP A 173 21.80 -0.91 -15.80
C ASP A 173 21.02 -0.89 -17.11
N PRO A 174 21.70 -0.95 -18.25
CA PRO A 174 20.99 -0.88 -19.54
C PRO A 174 19.93 -1.96 -19.73
N ASP A 175 20.10 -3.13 -19.11
CA ASP A 175 19.12 -4.18 -19.29
C ASP A 175 17.85 -3.89 -18.51
N TYR A 176 17.97 -3.31 -17.31
CA TYR A 176 16.78 -2.93 -16.55
C TYR A 176 16.01 -1.85 -17.27
N TYR A 177 16.70 -0.92 -17.92
CA TYR A 177 16.05 0.14 -18.69
C TYR A 177 15.20 -0.44 -19.84
N GLU A 178 15.79 -1.30 -20.67
CA GLU A 178 14.99 -1.83 -21.77
C GLU A 178 13.85 -2.73 -21.26
N THR A 179 14.04 -3.41 -20.13
CA THR A 179 12.93 -4.15 -19.51
C THR A 179 11.83 -3.20 -19.06
N ALA A 180 12.17 -2.14 -18.35
CA ALA A 180 11.16 -1.20 -17.89
C ALA A 180 10.42 -0.60 -19.07
N LYS A 181 11.16 -0.25 -20.13
CA LYS A 181 10.53 0.31 -21.31
C LYS A 181 9.52 -0.67 -21.91
N ASN A 182 9.88 -1.96 -21.94
CA ASN A 182 8.96 -2.95 -22.51
C ASN A 182 7.66 -3.03 -21.70
N SER A 183 7.75 -2.92 -20.37
CA SER A 183 6.54 -2.99 -19.54
C SER A 183 5.60 -1.82 -19.83
N TYR A 184 6.16 -0.63 -20.01
CA TYR A 184 5.38 0.56 -20.37
C TYR A 184 4.66 0.37 -21.71
N LYS A 185 5.36 -0.10 -22.73
CA LYS A 185 4.69 -0.38 -24.01
C LYS A 185 3.57 -1.41 -23.84
N LEU A 186 3.83 -2.50 -23.11
CA LEU A 186 2.77 -3.45 -22.78
C LEU A 186 1.51 -2.73 -22.28
N VAL A 187 1.67 -1.74 -21.40
CA VAL A 187 0.52 -1.07 -20.81
C VAL A 187 -0.12 -0.08 -21.78
N TYR A 188 0.68 0.83 -22.36
CA TYR A 188 0.17 1.96 -23.14
C TYR A 188 0.21 1.75 -24.64
N GLY A 189 0.91 0.72 -25.12
CA GLY A 189 0.83 0.34 -26.52
C GLY A 189 1.88 0.98 -27.40
N THR A 190 2.81 1.73 -26.82
CA THR A 190 3.80 2.48 -27.58
C THR A 190 5.03 2.61 -26.70
N THR A 191 6.18 2.85 -27.32
CA THR A 191 7.35 3.23 -26.56
C THR A 191 7.44 4.74 -26.37
N GLU A 192 6.64 5.50 -27.12
CA GLU A 192 6.79 6.95 -27.14
C GLU A 192 6.44 7.55 -25.79
N GLY A 193 7.34 8.40 -25.28
CA GLY A 193 7.15 9.05 -24.01
C GLY A 193 7.56 8.27 -22.79
N PHE A 194 8.25 7.14 -22.94
CA PHE A 194 8.61 6.34 -21.77
C PHE A 194 9.54 7.10 -20.83
N ASP A 195 10.58 7.75 -21.39
CA ASP A 195 11.55 8.47 -20.56
C ASP A 195 10.86 9.57 -19.76
N LYS A 196 10.06 10.40 -20.42
CA LYS A 196 9.37 11.49 -19.73
C LYS A 196 8.42 10.93 -18.68
N PHE A 197 7.64 9.92 -19.04
CA PHE A 197 6.72 9.28 -18.10
C PHE A 197 7.45 8.74 -16.88
N TRP A 198 8.47 7.90 -17.11
CA TRP A 198 9.19 7.29 -16.00
C TRP A 198 9.75 8.37 -15.07
N ASP A 199 10.44 9.36 -15.65
CA ASP A 199 11.02 10.42 -14.84
C ASP A 199 9.94 11.22 -14.11
N GLU A 200 8.81 11.49 -14.76
CA GLU A 200 7.72 12.22 -14.09
C GLU A 200 7.15 11.40 -12.94
N ARG A 201 6.90 10.12 -13.19
CA ARG A 201 6.35 9.26 -12.12
C ARG A 201 7.36 9.05 -11.01
N LEU A 202 8.65 8.93 -11.36
CA LEU A 202 9.69 8.78 -10.34
C LEU A 202 9.71 9.97 -9.37
N LYS A 203 9.59 11.20 -9.90
CA LYS A 203 9.55 12.35 -9.02
C LYS A 203 8.29 12.35 -8.17
N ALA A 204 7.14 12.03 -8.78
CA ALA A 204 5.89 12.11 -8.03
C ALA A 204 5.80 10.98 -7.00
N TYR A 205 5.97 9.72 -7.43
CA TYR A 205 5.82 8.57 -6.52
C TYR A 205 6.90 8.54 -5.46
N SER A 206 8.11 9.02 -5.74
CA SER A 206 9.17 8.96 -4.74
C SER A 206 9.26 10.24 -3.89
N ASN A 207 8.39 11.23 -4.11
CA ASN A 207 8.45 12.49 -3.36
C ASN A 207 9.82 13.13 -3.58
N ASP A 208 10.22 13.19 -4.86
CA ASP A 208 11.52 13.73 -5.28
C ASP A 208 12.66 13.09 -4.49
N GLY A 209 12.61 11.76 -4.37
CA GLY A 209 13.66 11.02 -3.73
C GLY A 209 13.59 10.95 -2.23
N ARG A 210 12.65 11.66 -1.60
CA ARG A 210 12.62 11.73 -0.14
C ARG A 210 11.70 10.68 0.47
N GLY A 211 10.81 10.08 -0.33
CA GLY A 211 9.99 8.98 0.10
C GLY A 211 8.53 9.32 0.34
N ASN A 212 7.64 8.54 -0.27
CA ASN A 212 6.22 8.55 0.01
C ASN A 212 5.84 7.20 0.59
N ALA A 213 4.71 7.16 1.31
CA ALA A 213 4.14 5.87 1.72
C ALA A 213 3.97 4.91 0.54
N ASP A 214 4.40 3.67 0.75
CA ASP A 214 4.23 2.57 -0.22
C ASP A 214 2.78 2.10 -0.19
N PHE A 215 2.02 2.43 -1.22
CA PHE A 215 0.56 2.31 -1.16
C PHE A 215 0.10 0.84 -1.14
N THR A 216 0.68 -0.01 -2.00
CA THR A 216 0.27 -1.41 -1.95
C THR A 216 0.72 -2.07 -0.66
N HIS A 217 1.85 -1.65 -0.12
CA HIS A 217 2.32 -2.17 1.16
C HIS A 217 1.36 -1.76 2.29
N GLN A 218 0.97 -0.47 2.32
CA GLN A 218 -0.01 -0.01 3.29
C GLN A 218 -1.31 -0.78 3.16
N SER A 219 -1.72 -1.06 1.91
CA SER A 219 -3.02 -1.67 1.66
C SER A 219 -3.06 -3.11 2.14
N ILE A 220 -2.00 -3.88 1.87
CA ILE A 220 -2.00 -5.27 2.30
C ILE A 220 -1.82 -5.35 3.81
N THR A 221 -1.20 -4.34 4.42
CA THR A 221 -1.09 -4.34 5.87
C THR A 221 -2.47 -4.14 6.49
N ALA A 223 -5.38 -4.66 4.99
CA ALA A 223 -6.21 -5.82 4.67
C ALA A 223 -5.98 -6.95 5.66
N THR A 224 -4.71 -7.19 5.98
CA THR A 224 -4.37 -8.21 6.96
C THR A 224 -5.00 -7.90 8.32
N HIS A 225 -4.98 -6.63 8.72
CA HIS A 225 -5.55 -6.27 10.01
C HIS A 225 -7.07 -6.35 9.99
N LEU A 226 -7.70 -6.34 8.82
CA LEU A 226 -9.15 -6.43 8.75
C LEU A 226 -9.65 -7.80 8.31
N ASN A 227 -8.76 -8.75 8.08
CA ASN A 227 -9.18 -10.07 7.67
C ASN A 227 -9.79 -10.81 8.86
N PRO A 228 -11.06 -11.21 8.79
CA PRO A 228 -11.67 -12.00 9.90
C PRO A 228 -10.82 -13.17 10.37
N THR A 229 -10.10 -13.83 9.47
CA THR A 229 -9.38 -15.05 9.81
C THR A 229 -7.87 -14.90 9.65
N GLY A 248 3.17 -5.49 8.76
CA GLY A 248 3.39 -4.07 9.02
C GLY A 248 4.74 -3.76 9.66
N TRP A 249 4.75 -2.79 10.60
CA TRP A 249 6.00 -2.37 11.23
C TRP A 249 6.73 -3.51 11.90
N GLU A 250 6.00 -4.48 12.44
CA GLU A 250 6.67 -5.54 13.16
C GLU A 250 7.37 -6.49 12.18
N GLY A 251 6.76 -6.75 11.03
CA GLY A 251 7.41 -7.59 10.03
C GLY A 251 8.59 -6.89 9.43
N ASP A 252 8.52 -5.56 9.32
CA ASP A 252 9.56 -4.78 8.67
C ASP A 252 10.73 -4.44 9.58
N THR A 253 10.57 -4.57 10.90
CA THR A 253 11.60 -4.16 11.85
C THR A 253 12.24 -5.32 12.55
N THR A 254 11.88 -6.55 12.21
CA THR A 254 12.38 -7.72 12.90
C THR A 254 12.82 -8.76 11.88
N TYR A 255 13.53 -9.76 12.38
CA TYR A 255 13.70 -10.97 11.61
C TYR A 255 12.39 -11.74 11.62
N ASN A 256 11.57 -11.51 10.60
CA ASN A 256 10.57 -12.46 10.14
C ASN A 256 11.17 -13.26 8.99
N ALA A 257 10.63 -14.44 8.75
CA ALA A 257 11.23 -15.32 7.74
C ALA A 257 11.17 -14.69 6.35
N ASN A 258 9.96 -14.39 5.88
CA ASN A 258 9.70 -14.29 4.44
C ASN A 258 10.53 -13.20 3.77
N GLU A 259 10.50 -11.98 4.32
CA GLU A 259 11.03 -10.81 3.62
C GLU A 259 12.56 -10.83 3.61
N ARG A 260 13.12 -9.85 2.91
CA ARG A 260 14.51 -9.48 3.13
C ARG A 260 14.61 -8.83 4.52
N LYS A 261 15.10 -9.62 5.51
CA LYS A 261 15.28 -9.43 6.96
C LYS A 261 14.50 -8.20 7.48
N PRO A 262 15.05 -7.33 8.36
CA PRO A 262 14.41 -6.01 8.51
C PRO A 262 14.70 -5.09 7.33
N SER A 263 13.66 -4.48 6.80
CA SER A 263 13.77 -3.47 5.76
C SER A 263 12.66 -2.47 6.01
N ILE A 264 13.02 -1.26 6.46
CA ILE A 264 12.00 -0.24 6.71
C ILE A 264 12.49 1.09 6.16
N GLY A 265 12.61 1.18 4.84
CA GLY A 265 12.83 2.45 4.20
C GLY A 265 11.70 3.42 4.48
N GLU A 266 11.89 4.66 4.00
CA GLU A 266 10.95 5.73 4.32
C GLU A 266 9.54 5.41 3.83
N ASP A 267 9.44 4.75 2.67
CA ASP A 267 8.13 4.35 2.13
C ASP A 267 7.43 3.36 3.04
N ASP A 268 8.17 2.48 3.71
CA ASP A 268 7.50 1.51 4.57
C ASP A 268 7.31 2.04 5.96
N TYR A 269 8.19 2.96 6.37
CA TYR A 269 7.98 3.70 7.60
C TYR A 269 6.62 4.39 7.59
N LYS A 270 6.36 5.18 6.54
CA LYS A 270 5.08 5.88 6.46
C LYS A 270 3.91 4.91 6.30
N ALA A 271 4.04 3.91 5.41
CA ALA A 271 2.98 2.92 5.24
C ALA A 271 2.66 2.21 6.56
N ASP A 272 3.69 1.76 7.26
CA ASP A 272 3.45 0.97 8.46
C ASP A 272 2.74 1.80 9.52
N LEU A 273 3.22 3.03 9.76
CA LEU A 273 2.63 3.87 10.79
C LEU A 273 1.25 4.34 10.37
N ASP A 274 1.07 4.66 9.09
CA ASP A 274 -0.25 5.13 8.67
C ASP A 274 -1.28 4.01 8.68
N SER A 275 -0.85 2.76 8.40
CA SER A 275 -1.76 1.62 8.53
C SER A 275 -2.34 1.54 9.92
N VAL A 276 -1.47 1.53 10.93
CA VAL A 276 -1.92 1.46 12.32
C VAL A 276 -2.83 2.64 12.65
N ASN A 277 -2.44 3.85 12.22
CA ASN A 277 -3.19 5.04 12.63
C ASN A 277 -4.59 5.05 12.01
N ILE A 278 -4.69 4.76 10.71
CA ILE A 278 -5.97 4.81 10.01
C ILE A 278 -6.87 3.67 10.46
N ILE A 279 -6.31 2.47 10.67
CA ILE A 279 -7.11 1.38 11.20
C ILE A 279 -7.70 1.77 12.55
N GLY A 280 -6.90 2.45 13.38
CA GLY A 280 -7.39 2.89 14.67
C GLY A 280 -8.57 3.84 14.55
N ARG A 281 -8.52 4.76 13.57
CA ARG A 281 -9.65 5.67 13.40
C ARG A 281 -10.89 4.93 12.90
N LYS A 283 -11.65 1.78 13.61
CA LYS A 283 -12.22 1.06 14.74
C LYS A 283 -13.10 1.95 15.60
N LYS A 284 -12.85 3.26 15.60
CA LYS A 284 -13.67 4.17 16.40
C LYS A 284 -14.99 4.51 15.72
N GLY A 285 -15.23 4.03 14.50
CA GLY A 285 -16.53 4.21 13.88
C GLY A 285 -16.54 4.76 12.46
N GLN A 286 -15.39 5.12 11.92
CA GLN A 286 -15.32 5.75 10.62
C GLN A 286 -15.06 4.73 9.50
N SER A 287 -15.58 5.05 8.32
CA SER A 287 -15.22 4.34 7.12
C SER A 287 -13.77 4.63 6.75
N TYR A 288 -13.25 3.84 5.82
CA TYR A 288 -11.88 4.08 5.35
C TYR A 288 -11.75 5.47 4.77
N GLN A 289 -12.70 5.86 3.91
CA GLN A 289 -12.61 7.15 3.24
C GLN A 289 -12.63 8.31 4.24
N SER A 290 -13.45 8.19 5.29
CA SER A 290 -13.55 9.24 6.31
C SER A 290 -12.29 9.28 7.17
N ALA A 291 -11.86 8.10 7.64
CA ALA A 291 -10.73 8.04 8.55
C ALA A 291 -9.45 8.52 7.89
N SER A 293 -9.19 10.49 5.25
CA SER A 293 -9.33 11.91 4.99
C SER A 293 -9.04 12.72 6.24
N SER A 294 -9.66 12.34 7.38
CA SER A 294 -9.43 13.05 8.64
C SER A 294 -7.98 12.94 9.07
N TYR A 295 -7.39 11.76 8.91
CA TYR A 295 -6.01 11.55 9.34
C TYR A 295 -5.03 12.40 8.56
N TYR A 296 -5.11 12.36 7.22
CA TYR A 296 -4.14 13.12 6.44
C TYR A 296 -4.35 14.62 6.59
N SER A 297 -5.58 15.06 6.84
CA SER A 297 -5.80 16.45 7.21
C SER A 297 -5.12 16.78 8.53
N ASP A 298 -5.29 15.92 9.54
CA ASP A 298 -4.69 16.15 10.85
C ASP A 298 -3.18 16.13 10.80
N VAL A 299 -2.61 15.22 10.00
CA VAL A 299 -1.16 15.18 9.79
C VAL A 299 -0.66 16.53 9.29
N GLN A 300 -1.37 17.14 8.34
CA GLN A 300 -0.98 18.45 7.84
C GLN A 300 -1.07 19.53 8.92
N LYS A 301 -2.11 19.47 9.76
CA LYS A 301 -2.39 20.55 10.69
C LYS A 301 -1.53 20.52 11.94
N GLY A 302 -0.98 19.35 12.29
CA GLY A 302 -0.28 19.16 13.53
C GLY A 302 1.22 19.10 13.35
N HIS A 303 1.87 18.51 14.35
CA HIS A 303 3.32 18.36 14.32
C HIS A 303 3.69 16.95 14.74
N SER A 304 4.35 16.21 13.84
CA SER A 304 4.73 14.83 14.09
C SER A 304 3.50 13.98 14.45
N VAL A 305 2.38 14.27 13.80
CA VAL A 305 1.14 13.57 14.09
C VAL A 305 1.26 12.08 13.79
N ARG A 306 1.99 11.73 12.73
CA ARG A 306 2.17 10.32 12.38
C ARG A 306 2.81 9.55 13.54
N GLU A 307 3.84 10.13 14.16
CA GLU A 307 4.51 9.45 15.26
C GLU A 307 3.68 9.51 16.55
N LYS A 308 3.11 10.67 16.87
CA LYS A 308 2.33 10.79 18.10
C LYS A 308 1.13 9.85 18.07
N GLU A 309 0.47 9.76 16.92
CA GLU A 309 -0.72 8.93 16.85
C GLU A 309 -0.36 7.46 16.90
N PHE A 310 0.78 7.10 16.33
CA PHE A 310 1.24 5.72 16.38
C PHE A 310 1.52 5.30 17.81
N LEU A 311 2.13 6.18 18.59
CA LEU A 311 2.48 5.89 19.98
C LEU A 311 1.26 5.88 20.88
N LYS A 312 0.12 6.40 20.42
CA LYS A 312 -1.12 6.24 21.15
C LYS A 312 -1.78 4.90 20.82
N ASN A 313 -1.58 4.39 19.61
CA ASN A 313 -2.10 3.06 19.29
C ASN A 313 -1.18 1.94 19.77
N LYS A 314 0.14 2.16 19.78
CA LYS A 314 1.10 1.11 20.14
C LYS A 314 2.07 1.63 21.19
N ASP A 315 2.23 0.87 22.27
CA ASP A 315 3.12 1.27 23.37
C ASP A 315 4.58 1.36 22.92
N TRP A 316 5.19 2.53 23.15
CA TRP A 316 6.58 2.74 22.75
C TRP A 316 7.51 1.69 23.34
N GLU A 317 7.26 1.27 24.59
CA GLU A 317 8.12 0.25 25.19
C GLU A 317 7.92 -1.12 24.54
N LYS A 318 6.68 -1.46 24.17
CA LYS A 318 6.45 -2.72 23.48
C LYS A 318 7.16 -2.72 22.13
N VAL A 319 7.07 -1.61 21.39
CA VAL A 319 7.74 -1.49 20.10
C VAL A 319 9.24 -1.68 20.27
N LYS A 320 9.84 -0.91 21.20
CA LYS A 320 11.25 -1.05 21.53
C LYS A 320 11.59 -2.49 21.87
N LYS A 321 10.82 -3.10 22.77
CA LYS A 321 11.11 -4.45 23.22
C LYS A 321 11.01 -5.45 22.08
N THR A 322 10.01 -5.30 21.22
CA THR A 322 9.85 -6.19 20.08
C THR A 322 11.09 -6.15 19.20
N ILE A 323 11.57 -4.94 18.91
CA ILE A 323 12.70 -4.79 18.00
C ILE A 323 13.99 -5.24 18.67
N TYR A 324 14.16 -4.95 19.96
CA TYR A 324 15.38 -5.36 20.64
C TYR A 324 15.50 -6.88 20.68
N ASP A 325 14.42 -7.58 21.07
CA ASP A 325 14.45 -9.03 21.19
C ASP A 325 14.78 -9.69 19.87
N SER A 326 14.35 -9.08 18.78
CA SER A 326 14.56 -9.67 17.47
C SER A 326 15.92 -9.33 16.88
N LEU A 327 16.39 -8.08 17.05
CA LEU A 327 17.59 -7.63 16.36
C LEU A 327 18.85 -7.66 17.21
N VAL A 328 18.72 -7.61 18.52
CA VAL A 328 19.85 -7.44 19.42
C VAL A 328 20.25 -8.79 19.97
N PRO A 329 21.52 -9.19 19.85
CA PRO A 329 21.94 -10.48 20.41
C PRO A 329 22.02 -10.44 21.93
N ASN A 330 21.84 -11.61 22.55
CA ASN A 330 21.83 -11.71 24.00
C ASN A 330 23.13 -11.24 24.63
N GLY A 331 24.23 -11.23 23.88
CA GLY A 331 25.50 -10.78 24.45
C GLY A 331 25.52 -9.30 24.81
N ILE A 332 24.56 -8.54 24.31
CA ILE A 332 24.46 -7.10 24.59
C ILE A 332 23.37 -6.88 25.62
N ASN A 333 23.76 -6.35 26.79
CA ASN A 333 22.79 -6.02 27.83
C ASN A 333 21.75 -5.06 27.27
N LYS A 334 20.49 -5.51 27.14
CA LYS A 334 19.44 -4.68 26.56
C LYS A 334 19.03 -3.52 27.45
N ASN A 335 19.46 -3.52 28.73
CA ASN A 335 19.20 -2.38 29.61
C ASN A 335 20.13 -1.21 29.30
N ALA A 336 21.40 -1.51 28.96
CA ALA A 336 22.36 -0.51 28.51
C ALA A 336 21.86 0.12 27.21
N ASP A 337 20.93 1.08 27.33
CA ASP A 337 20.22 1.56 26.17
C ASP A 337 21.14 2.31 25.21
N SER A 338 22.16 3.01 25.73
CA SER A 338 23.12 3.68 24.87
C SER A 338 23.88 2.68 24.00
N VAL A 339 24.29 1.56 24.60
CA VAL A 339 24.98 0.51 23.83
C VAL A 339 24.06 -0.05 22.75
N VAL A 340 22.78 -0.27 23.08
CA VAL A 340 21.88 -0.89 22.11
C VAL A 340 21.64 0.05 20.94
N LYS A 341 21.45 1.34 21.22
CA LYS A 341 21.15 2.30 20.17
C LYS A 341 22.31 2.42 19.20
N ASP A 342 23.55 2.37 19.71
CA ASP A 342 24.71 2.40 18.83
C ASP A 342 24.81 1.12 18.00
N TYR A 343 24.46 -0.02 18.60
CA TYR A 343 24.44 -1.27 17.84
C TYR A 343 23.46 -1.18 16.67
N ILE A 344 22.21 -0.82 16.97
CA ILE A 344 21.21 -0.71 15.92
C ILE A 344 21.62 0.35 14.91
N ALA A 345 22.13 1.49 15.39
CA ALA A 345 22.56 2.57 14.50
C ALA A 345 23.63 2.10 13.51
N LYS A 346 24.51 1.21 13.94
CA LYS A 346 25.59 0.76 13.06
C LYS A 346 25.12 -0.33 12.10
N ASN A 347 24.25 -1.23 12.56
CA ASN A 347 23.91 -2.40 11.77
C ASN A 347 22.57 -2.31 11.05
N TYR A 348 21.60 -1.59 11.60
CA TYR A 348 20.29 -1.42 10.97
C TYR A 348 19.95 0.06 10.95
N PRO A 349 20.59 0.83 10.05
CA PRO A 349 20.39 2.29 10.03
C PRO A 349 18.95 2.71 9.82
N ASP A 350 18.18 1.92 9.07
CA ASP A 350 16.78 2.23 8.84
C ASP A 350 15.95 2.03 10.10
N VAL A 351 16.15 0.90 10.79
CA VAL A 351 15.42 0.66 12.04
C VAL A 351 15.84 1.66 13.10
N SER A 352 17.12 2.06 13.10
CA SER A 352 17.58 3.09 14.02
C SER A 352 16.79 4.38 13.86
N LYS A 353 16.65 4.85 12.60
CA LYS A 353 15.84 6.06 12.36
C LYS A 353 14.41 5.87 12.82
N PHE A 354 13.85 4.68 12.58
CA PHE A 354 12.51 4.35 13.08
C PHE A 354 12.42 4.56 14.59
N LEU A 355 13.42 4.04 15.32
CA LEU A 355 13.40 4.17 16.77
C LEU A 355 13.67 5.61 17.21
N SER A 356 14.64 6.27 16.58
CA SER A 356 14.94 7.65 16.95
C SER A 356 13.73 8.55 16.79
N ARG A 357 12.98 8.40 15.69
CA ARG A 357 11.84 9.28 15.47
C ARG A 357 10.77 9.10 16.54
N LEU A 358 10.47 7.85 16.90
CA LEU A 358 9.45 7.58 17.91
C LEU A 358 9.95 7.95 19.30
N GLU A 359 11.19 7.56 19.62
CA GLU A 359 11.79 7.99 20.89
C GLU A 359 11.68 9.50 21.07
N SER A 360 11.88 10.25 19.98
CA SER A 360 11.85 11.71 20.09
C SER A 360 10.49 12.21 20.56
N VAL A 361 9.43 11.58 20.07
CA VAL A 361 8.07 12.00 20.41
C VAL A 361 7.53 11.24 21.63
N ALA A 362 8.18 10.15 22.04
CA ALA A 362 7.74 9.42 23.21
C ALA A 362 7.91 10.25 24.47
N GLY A 363 8.87 11.17 24.48
CA GLY A 363 9.02 12.12 25.57
C GLY A 363 8.48 13.49 25.21
#